data_7AGM
#
_entry.id   7AGM
#
_cell.length_a   41.850
_cell.length_b   68.840
_cell.length_c   63.720
_cell.angle_alpha   90.000
_cell.angle_beta   91.866
_cell.angle_gamma   90.000
#
_symmetry.space_group_name_H-M   'P 1 21 1'
#
loop_
_entity.id
_entity.type
_entity.pdbx_description
1 polymer 'N-acetylmuramoyl-L-alanine amidase'
2 non-polymer 'ZINC ION'
3 water water
#
_entity_poly.entity_id   1
_entity_poly.type   'polypeptide(L)'
_entity_poly.pdbx_seq_one_letter_code
;GAPSNIAGMIVFLDPGHNGANDASIGRQVPTGRGGTKNCQESGTATDDGYPEHSFTWDTTLRVRAALTALGVRTAMSRGN
DNALGPCVDERAAMANSLRPHAIVSIHADGGPPTGRGFHVLYSSPPLNAAQSGPSVQFAKVMRDQLAASGIPPATYIGQG
GLNPRSDIAGLNLAQFPSVLVECGNMKNPVDSALMKSPEGRQKYADAIVRGIAGFLGSQSQAAAAVSPVR
;
_entity_poly.pdbx_strand_id   A,B
#
# COMPACT_ATOMS: atom_id res chain seq x y z
N PRO A 3 -15.13 -20.54 -1.41
CA PRO A 3 -15.57 -20.51 -0.02
C PRO A 3 -16.44 -19.28 0.25
N SER A 4 -17.45 -19.43 1.09
CA SER A 4 -18.34 -18.33 1.41
C SER A 4 -17.82 -17.56 2.62
N ASN A 5 -18.45 -16.41 2.87
CA ASN A 5 -18.12 -15.55 4.01
C ASN A 5 -16.68 -15.05 3.97
N ILE A 6 -16.14 -14.84 2.77
CA ILE A 6 -14.81 -14.25 2.64
C ILE A 6 -14.82 -12.84 2.09
N ALA A 7 -15.90 -12.40 1.43
CA ALA A 7 -15.94 -11.03 0.94
C ALA A 7 -15.78 -10.07 2.11
N GLY A 8 -15.04 -9.00 1.89
CA GLY A 8 -14.76 -8.04 2.93
C GLY A 8 -13.51 -8.33 3.75
N MET A 9 -13.03 -9.57 3.75
CA MET A 9 -11.78 -9.86 4.43
C MET A 9 -10.62 -9.18 3.73
N ILE A 10 -9.51 -9.03 4.43
CA ILE A 10 -8.40 -8.16 4.03
C ILE A 10 -7.16 -9.00 3.79
N VAL A 11 -6.57 -8.85 2.60
CA VAL A 11 -5.33 -9.53 2.24
C VAL A 11 -4.29 -8.49 1.86
N PHE A 12 -3.12 -8.55 2.48
CA PHE A 12 -1.98 -7.74 2.09
C PHE A 12 -1.07 -8.56 1.18
N LEU A 13 -0.79 -8.01 -0.01
CA LEU A 13 0.01 -8.68 -1.03
C LEU A 13 1.35 -7.98 -1.16
N ASP A 14 2.43 -8.77 -1.16
CA ASP A 14 3.80 -8.25 -1.21
C ASP A 14 4.56 -8.89 -2.36
N PRO A 15 4.59 -8.26 -3.53
CA PRO A 15 5.45 -8.74 -4.61
C PRO A 15 6.91 -8.44 -4.28
N GLY A 16 7.69 -9.50 -4.12
CA GLY A 16 9.03 -9.35 -3.61
C GLY A 16 9.90 -8.45 -4.47
N HIS A 17 10.78 -7.70 -3.80
CA HIS A 17 11.86 -6.89 -4.39
C HIS A 17 11.33 -5.62 -5.03
N ASN A 18 12.22 -4.83 -5.64
CA ASN A 18 11.87 -3.55 -6.23
C ASN A 18 12.15 -3.58 -7.72
N GLY A 19 11.42 -2.73 -8.46
CA GLY A 19 11.69 -2.57 -9.88
C GLY A 19 12.96 -1.81 -10.17
N ALA A 20 13.49 -1.08 -9.20
CA ALA A 20 14.79 -0.43 -9.33
C ALA A 20 15.40 -0.32 -7.95
N ASN A 21 16.73 -0.31 -7.89
CA ASN A 21 17.45 -0.27 -6.64
C ASN A 21 18.49 0.84 -6.67
N ASP A 22 18.78 1.38 -5.48
CA ASP A 22 19.86 2.35 -5.33
C ASP A 22 20.75 1.98 -4.15
N ALA A 23 21.57 2.92 -3.68
CA ALA A 23 22.50 2.61 -2.60
C ALA A 23 21.81 2.43 -1.26
N SER A 24 20.56 2.85 -1.12
CA SER A 24 19.87 2.76 0.15
C SER A 24 19.40 1.36 0.49
N ILE A 25 19.45 0.42 -0.46
CA ILE A 25 19.04 -0.95 -0.16
C ILE A 25 20.02 -1.71 0.72
N GLY A 26 21.25 -1.20 0.89
CA GLY A 26 22.20 -1.83 1.78
C GLY A 26 22.07 -1.44 3.25
N ARG A 27 21.30 -0.41 3.56
CA ARG A 27 21.11 0.01 4.95
C ARG A 27 20.52 -1.12 5.79
N GLN A 28 20.96 -1.22 7.03
CA GLN A 28 20.57 -2.33 7.90
C GLN A 28 19.24 -2.06 8.57
N VAL A 29 18.37 -3.07 8.58
CA VAL A 29 17.04 -2.98 9.19
C VAL A 29 16.85 -4.19 10.10
N PRO A 30 16.01 -4.10 11.12
CA PRO A 30 15.87 -5.22 12.06
C PRO A 30 15.22 -6.43 11.41
N THR A 31 15.64 -7.61 11.87
CA THR A 31 15.12 -8.89 11.39
C THR A 31 13.97 -9.41 12.22
N GLY A 32 13.79 -8.91 13.44
CA GLY A 32 12.81 -9.44 14.37
C GLY A 32 13.33 -10.47 15.33
N ARG A 33 14.58 -10.91 15.17
CA ARG A 33 15.19 -11.85 16.09
C ARG A 33 16.51 -11.32 16.65
N GLY A 34 16.65 -10.00 16.70
CA GLY A 34 17.78 -9.37 17.35
C GLY A 34 18.93 -8.99 16.43
N GLY A 35 18.84 -9.31 15.14
CA GLY A 35 19.87 -8.96 14.19
C GLY A 35 19.38 -7.93 13.20
N THR A 36 20.19 -7.73 12.16
CA THR A 36 19.82 -6.85 11.06
C THR A 36 20.17 -7.54 9.75
N LYS A 37 19.61 -7.00 8.67
CA LYS A 37 19.96 -7.42 7.32
C LYS A 37 19.71 -6.25 6.38
N ASN A 38 20.09 -6.44 5.12
CA ASN A 38 19.95 -5.37 4.14
C ASN A 38 18.48 -4.99 3.96
N CYS A 39 18.24 -3.68 3.83
CA CYS A 39 16.91 -3.14 3.53
C CYS A 39 16.25 -3.88 2.37
N GLN A 40 16.96 -4.05 1.27
N GLN A 40 16.97 -4.06 1.27
CA GLN A 40 16.43 -4.79 0.14
CA GLN A 40 16.42 -4.77 0.13
C GLN A 40 17.53 -5.58 -0.54
C GLN A 40 17.52 -5.54 -0.58
N GLU A 41 17.11 -6.54 -1.36
CA GLU A 41 17.98 -7.27 -2.28
C GLU A 41 17.38 -7.12 -3.65
N SER A 42 18.24 -7.17 -4.68
CA SER A 42 17.75 -6.98 -6.04
C SER A 42 16.79 -8.09 -6.46
N GLY A 43 16.98 -9.29 -5.94
CA GLY A 43 16.25 -10.45 -6.44
C GLY A 43 17.05 -11.19 -7.49
N THR A 44 16.62 -12.42 -7.76
CA THR A 44 17.31 -13.26 -8.72
C THR A 44 16.76 -12.99 -10.12
N ALA A 45 17.15 -13.81 -11.08
CA ALA A 45 16.72 -13.68 -12.47
C ALA A 45 16.94 -15.00 -13.16
N THR A 46 16.25 -15.17 -14.29
CA THR A 46 16.53 -16.32 -15.14
C THR A 46 17.94 -16.19 -15.70
N ASP A 47 18.45 -17.30 -16.26
N ASP A 47 18.43 -17.30 -16.28
CA ASP A 47 19.78 -17.27 -16.85
CA ASP A 47 19.77 -17.30 -16.85
C ASP A 47 19.92 -16.14 -17.86
C ASP A 47 19.92 -16.20 -17.90
N ASP A 48 18.87 -15.91 -18.64
CA ASP A 48 18.90 -14.91 -19.69
C ASP A 48 18.28 -13.58 -19.26
N GLY A 49 18.06 -13.37 -17.97
CA GLY A 49 17.89 -12.03 -17.43
C GLY A 49 16.48 -11.55 -17.18
N TYR A 50 15.49 -12.42 -17.20
CA TYR A 50 14.15 -12.01 -16.78
C TYR A 50 14.15 -11.91 -15.27
N PRO A 51 13.88 -10.73 -14.68
CA PRO A 51 14.12 -10.56 -13.24
C PRO A 51 12.97 -10.99 -12.36
N GLU A 52 13.35 -11.51 -11.18
CA GLU A 52 12.38 -11.88 -10.17
C GLU A 52 11.38 -10.76 -9.90
N HIS A 53 11.86 -9.50 -9.83
CA HIS A 53 10.96 -8.43 -9.44
C HIS A 53 9.82 -8.23 -10.44
N SER A 54 10.06 -8.52 -11.73
CA SER A 54 8.97 -8.41 -12.70
C SER A 54 8.03 -9.60 -12.61
N PHE A 55 8.57 -10.80 -12.38
CA PHE A 55 7.72 -11.96 -12.17
C PHE A 55 6.78 -11.76 -10.98
N THR A 56 7.34 -11.32 -9.85
CA THR A 56 6.50 -11.18 -8.66
C THR A 56 5.46 -10.08 -8.85
N TRP A 57 5.85 -8.99 -9.52
CA TRP A 57 4.92 -7.89 -9.75
C TRP A 57 3.72 -8.34 -10.59
N ASP A 58 3.98 -8.92 -11.76
CA ASP A 58 2.87 -9.28 -12.64
C ASP A 58 2.02 -10.39 -12.05
N THR A 59 2.65 -11.38 -11.40
CA THR A 59 1.88 -12.44 -10.76
C THR A 59 0.99 -11.88 -9.66
N THR A 60 1.52 -10.92 -8.88
CA THR A 60 0.74 -10.34 -7.80
C THR A 60 -0.45 -9.53 -8.33
N LEU A 61 -0.27 -8.84 -9.47
CA LEU A 61 -1.39 -8.11 -10.08
C LEU A 61 -2.51 -9.07 -10.46
N ARG A 62 -2.15 -10.25 -10.97
CA ARG A 62 -3.15 -11.25 -11.31
C ARG A 62 -3.84 -11.79 -10.07
N VAL A 63 -3.09 -12.03 -9.00
CA VAL A 63 -3.69 -12.43 -7.73
C VAL A 63 -4.67 -11.36 -7.25
N ARG A 64 -4.25 -10.10 -7.28
CA ARG A 64 -5.11 -9.03 -6.79
C ARG A 64 -6.43 -8.97 -7.56
N ALA A 65 -6.35 -9.04 -8.90
CA ALA A 65 -7.57 -8.98 -9.70
C ALA A 65 -8.54 -10.10 -9.34
N ALA A 66 -8.02 -11.33 -9.13
CA ALA A 66 -8.91 -12.43 -8.79
C ALA A 66 -9.52 -12.25 -7.41
N LEU A 67 -8.75 -11.74 -6.45
CA LEU A 67 -9.28 -11.49 -5.11
C LEU A 67 -10.37 -10.42 -5.15
N THR A 68 -10.13 -9.34 -5.88
CA THR A 68 -11.15 -8.30 -6.02
C THR A 68 -12.45 -8.88 -6.57
N ALA A 69 -12.36 -9.79 -7.54
CA ALA A 69 -13.56 -10.40 -8.10
C ALA A 69 -14.32 -11.22 -7.07
N LEU A 70 -13.63 -11.72 -6.04
CA LEU A 70 -14.25 -12.42 -4.92
C LEU A 70 -14.72 -11.48 -3.82
N GLY A 71 -14.62 -10.18 -4.02
CA GLY A 71 -15.02 -9.22 -2.99
C GLY A 71 -14.04 -9.07 -1.86
N VAL A 72 -12.83 -9.60 -2.01
CA VAL A 72 -11.81 -9.54 -0.97
C VAL A 72 -11.06 -8.21 -1.10
N ARG A 73 -10.86 -7.52 0.02
CA ARG A 73 -10.10 -6.28 0.06
C ARG A 73 -8.62 -6.58 -0.06
N THR A 74 -7.90 -5.74 -0.80
CA THR A 74 -6.47 -5.92 -0.94
C THR A 74 -5.73 -4.60 -0.77
N ALA A 75 -4.46 -4.73 -0.39
CA ALA A 75 -3.47 -3.67 -0.47
C ALA A 75 -2.16 -4.29 -0.88
N MET A 76 -1.29 -3.50 -1.50
CA MET A 76 -0.01 -4.00 -1.99
C MET A 76 1.16 -3.24 -1.36
N SER A 77 2.29 -3.91 -1.25
CA SER A 77 3.48 -3.32 -0.64
C SER A 77 4.18 -2.32 -1.56
N ARG A 78 3.95 -2.38 -2.87
CA ARG A 78 4.54 -1.44 -3.80
C ARG A 78 3.57 -1.23 -4.94
N GLY A 79 3.77 -0.11 -5.65
CA GLY A 79 2.80 0.34 -6.64
C GLY A 79 3.33 0.42 -8.06
N ASN A 80 4.56 -0.03 -8.30
CA ASN A 80 5.14 -0.05 -9.63
C ASN A 80 6.24 -1.10 -9.68
N ASP A 81 6.82 -1.27 -10.85
CA ASP A 81 7.90 -2.22 -11.09
C ASP A 81 9.10 -1.52 -11.75
N ASN A 82 9.26 -0.22 -11.49
CA ASN A 82 10.38 0.49 -12.11
C ASN A 82 11.05 1.50 -11.18
N ALA A 83 10.78 1.45 -9.88
CA ALA A 83 11.36 2.40 -8.94
C ALA A 83 11.58 1.70 -7.59
N LEU A 84 12.20 2.43 -6.67
CA LEU A 84 12.47 1.88 -5.35
C LEU A 84 11.19 1.47 -4.65
N GLY A 85 11.28 0.40 -3.86
CA GLY A 85 10.20 -0.07 -3.02
C GLY A 85 10.66 -0.15 -1.58
N PRO A 86 9.74 -0.51 -0.66
CA PRO A 86 10.06 -0.41 0.77
C PRO A 86 11.02 -1.51 1.22
N CYS A 87 11.74 -1.20 2.31
CA CYS A 87 12.61 -2.17 2.96
C CYS A 87 11.80 -3.34 3.53
N VAL A 88 12.51 -4.43 3.83
CA VAL A 88 11.85 -5.65 4.29
C VAL A 88 11.15 -5.46 5.62
N ASP A 89 11.71 -4.63 6.51
CA ASP A 89 10.99 -4.35 7.76
C ASP A 89 9.78 -3.46 7.51
N GLU A 90 9.90 -2.51 6.58
CA GLU A 90 8.78 -1.64 6.23
C GLU A 90 7.63 -2.43 5.61
N ARG A 91 7.92 -3.44 4.80
CA ARG A 91 6.85 -4.25 4.24
C ARG A 91 6.07 -4.99 5.33
N ALA A 92 6.76 -5.47 6.37
CA ALA A 92 6.04 -6.06 7.50
C ALA A 92 5.24 -5.01 8.25
N ALA A 93 5.80 -3.81 8.44
CA ALA A 93 5.06 -2.75 9.12
C ALA A 93 3.81 -2.33 8.35
N MET A 94 3.91 -2.24 7.03
CA MET A 94 2.74 -1.93 6.21
C MET A 94 1.67 -3.00 6.36
N ALA A 95 2.06 -4.27 6.36
CA ALA A 95 1.10 -5.34 6.57
C ALA A 95 0.45 -5.22 7.93
N ASN A 96 1.25 -5.02 8.97
CA ASN A 96 0.71 -4.97 10.33
C ASN A 96 -0.23 -3.79 10.53
N SER A 97 0.07 -2.65 9.90
CA SER A 97 -0.80 -1.48 10.01
C SER A 97 -2.20 -1.76 9.51
N LEU A 98 -2.35 -2.72 8.61
CA LEU A 98 -3.63 -3.05 8.03
C LEU A 98 -4.39 -4.08 8.84
N ARG A 99 -3.76 -4.71 9.82
CA ARG A 99 -4.34 -5.78 10.62
CA ARG A 99 -4.34 -5.78 10.63
C ARG A 99 -5.10 -6.76 9.72
N PRO A 100 -4.45 -7.31 8.71
CA PRO A 100 -5.17 -8.11 7.71
C PRO A 100 -5.51 -9.49 8.22
N HIS A 101 -6.39 -10.15 7.47
CA HIS A 101 -6.69 -11.56 7.72
C HIS A 101 -5.65 -12.49 7.12
N ALA A 102 -4.94 -12.06 6.09
CA ALA A 102 -3.89 -12.88 5.49
C ALA A 102 -2.88 -11.97 4.82
N ILE A 103 -1.62 -12.38 4.88
CA ILE A 103 -0.51 -11.71 4.20
C ILE A 103 0.17 -12.73 3.32
N VAL A 104 0.40 -12.39 2.05
CA VAL A 104 1.15 -13.27 1.16
C VAL A 104 2.24 -12.46 0.49
N SER A 105 3.49 -12.91 0.65
CA SER A 105 4.62 -12.37 -0.08
C SER A 105 4.96 -13.35 -1.20
N ILE A 106 5.16 -12.82 -2.41
CA ILE A 106 5.33 -13.65 -3.60
C ILE A 106 6.74 -13.44 -4.14
N HIS A 107 7.46 -14.56 -4.32
CA HIS A 107 8.87 -14.55 -4.69
C HIS A 107 9.15 -15.63 -5.72
N ALA A 108 10.37 -15.59 -6.24
CA ALA A 108 10.93 -16.69 -7.03
C ALA A 108 12.38 -16.89 -6.61
N ASP A 109 12.83 -18.13 -6.71
CA ASP A 109 14.05 -18.59 -6.06
C ASP A 109 15.17 -18.77 -7.06
N GLY A 110 16.39 -18.87 -6.52
CA GLY A 110 17.55 -19.29 -7.28
C GLY A 110 18.18 -20.51 -6.64
N GLY A 111 18.04 -21.67 -7.28
CA GLY A 111 18.61 -22.89 -6.78
C GLY A 111 19.32 -23.66 -7.88
N PRO A 112 19.75 -24.88 -7.58
CA PRO A 112 20.42 -25.70 -8.60
C PRO A 112 19.53 -25.88 -9.81
N PRO A 113 20.08 -25.73 -11.02
CA PRO A 113 19.21 -25.65 -12.21
C PRO A 113 18.36 -26.89 -12.46
N THR A 114 18.76 -28.06 -11.96
CA THR A 114 17.96 -29.27 -12.15
C THR A 114 16.80 -29.37 -11.16
N GLY A 115 16.74 -28.50 -10.15
CA GLY A 115 15.66 -28.52 -9.18
C GLY A 115 14.57 -27.53 -9.58
N ARG A 116 13.33 -27.94 -9.41
CA ARG A 116 12.20 -27.08 -9.75
C ARG A 116 11.10 -27.25 -8.71
N GLY A 117 10.12 -26.37 -8.77
CA GLY A 117 8.94 -26.47 -7.93
C GLY A 117 8.88 -25.38 -6.87
N PHE A 118 7.79 -25.39 -6.13
CA PHE A 118 7.46 -24.35 -5.17
C PHE A 118 7.86 -24.72 -3.75
N HIS A 119 8.06 -23.71 -2.91
CA HIS A 119 8.06 -23.94 -1.48
C HIS A 119 7.41 -22.76 -0.76
N VAL A 120 6.74 -23.07 0.36
CA VAL A 120 6.00 -22.09 1.14
C VAL A 120 6.73 -21.92 2.47
N LEU A 121 7.19 -20.70 2.72
CA LEU A 121 7.94 -20.37 3.92
C LEU A 121 7.02 -19.80 4.99
N TYR A 122 7.31 -20.13 6.24
CA TYR A 122 6.57 -19.57 7.36
C TYR A 122 7.51 -19.41 8.54
N SER A 123 7.22 -18.42 9.39
CA SER A 123 8.09 -18.12 10.52
C SER A 123 8.13 -19.28 11.51
N SER A 124 9.33 -19.72 11.81
CA SER A 124 9.55 -20.77 12.81
C SER A 124 10.96 -20.65 13.35
N PRO A 125 11.16 -20.71 14.68
CA PRO A 125 10.14 -20.83 15.72
C PRO A 125 9.24 -19.61 15.79
N PRO A 126 7.99 -19.80 16.17
CA PRO A 126 7.05 -18.68 16.16
C PRO A 126 7.37 -17.65 17.23
N LEU A 127 7.07 -16.39 16.91
CA LEU A 127 7.29 -15.27 17.81
C LEU A 127 6.02 -14.72 18.43
N ASN A 128 4.86 -15.21 18.00
CA ASN A 128 3.57 -14.77 18.52
C ASN A 128 2.51 -15.80 18.15
N ALA A 129 1.27 -15.54 18.56
CA ALA A 129 0.20 -16.50 18.36
C ALA A 129 -0.16 -16.67 16.90
N ALA A 130 -0.13 -15.59 16.11
CA ALA A 130 -0.41 -15.73 14.69
C ALA A 130 0.58 -16.67 14.04
N GLN A 131 1.86 -16.55 14.41
CA GLN A 131 2.90 -17.37 13.81
C GLN A 131 2.80 -18.82 14.28
N SER A 132 2.34 -19.05 15.50
N SER A 132 2.35 -19.07 15.50
CA SER A 132 2.31 -20.39 16.06
CA SER A 132 2.35 -20.44 16.00
C SER A 132 1.15 -21.22 15.55
C SER A 132 1.15 -21.24 15.51
N GLY A 133 0.04 -20.59 15.19
CA GLY A 133 -1.16 -21.30 14.83
C GLY A 133 -1.64 -21.01 13.42
N PRO A 134 -2.36 -19.90 13.24
CA PRO A 134 -2.96 -19.62 11.92
C PRO A 134 -1.97 -19.60 10.75
N SER A 135 -0.76 -19.06 10.95
CA SER A 135 0.18 -19.02 9.83
C SER A 135 0.65 -20.41 9.43
N VAL A 136 0.79 -21.33 10.39
CA VAL A 136 1.12 -22.71 10.06
C VAL A 136 -0.01 -23.36 9.27
N GLN A 137 -1.26 -23.13 9.70
CA GLN A 137 -2.39 -23.64 8.94
CA GLN A 137 -2.40 -23.63 8.94
C GLN A 137 -2.44 -23.04 7.54
N PHE A 138 -2.18 -21.72 7.44
CA PHE A 138 -2.14 -21.06 6.14
C PHE A 138 -1.08 -21.69 5.24
N ALA A 139 0.11 -21.94 5.79
CA ALA A 139 1.18 -22.55 5.00
C ALA A 139 0.72 -23.89 4.42
N LYS A 140 0.02 -24.69 5.23
CA LYS A 140 -0.42 -26.00 4.77
CA LYS A 140 -0.43 -26.00 4.78
C LYS A 140 -1.50 -25.87 3.69
N VAL A 141 -2.47 -24.97 3.88
CA VAL A 141 -3.50 -24.78 2.86
C VAL A 141 -2.88 -24.30 1.56
N MET A 142 -1.95 -23.35 1.66
CA MET A 142 -1.29 -22.83 0.46
C MET A 142 -0.49 -23.91 -0.25
N ARG A 143 0.31 -24.68 0.51
CA ARG A 143 1.05 -25.80 -0.05
C ARG A 143 0.12 -26.79 -0.76
N ASP A 144 -1.02 -27.11 -0.12
CA ASP A 144 -1.95 -28.07 -0.70
C ASP A 144 -2.54 -27.55 -2.01
N GLN A 145 -2.84 -26.26 -2.08
CA GLN A 145 -3.47 -25.73 -3.29
C GLN A 145 -2.48 -25.57 -4.43
N LEU A 146 -1.23 -25.20 -4.13
CA LEU A 146 -0.20 -25.20 -5.16
C LEU A 146 0.02 -26.60 -5.71
N ALA A 147 0.12 -27.59 -4.81
CA ALA A 147 0.35 -28.95 -5.25
C ALA A 147 -0.87 -29.53 -5.98
N ALA A 148 -2.08 -29.17 -5.55
CA ALA A 148 -3.27 -29.65 -6.24
C ALA A 148 -3.35 -29.13 -7.65
N SER A 149 -2.77 -27.96 -7.90
N SER A 149 -2.78 -27.95 -7.91
CA SER A 149 -2.74 -27.32 -9.21
CA SER A 149 -2.80 -27.37 -9.25
C SER A 149 -1.70 -27.92 -10.14
C SER A 149 -1.87 -28.11 -10.21
N GLY A 150 -0.97 -28.94 -9.71
CA GLY A 150 -0.01 -29.62 -10.55
C GLY A 150 1.38 -29.03 -10.54
N ILE A 151 1.59 -27.94 -9.81
CA ILE A 151 2.93 -27.37 -9.63
C ILE A 151 3.66 -28.27 -8.64
N PRO A 152 4.80 -28.85 -8.98
CA PRO A 152 5.44 -29.79 -8.07
C PRO A 152 6.02 -29.07 -6.87
N PRO A 153 5.94 -29.65 -5.68
CA PRO A 153 6.71 -29.11 -4.55
C PRO A 153 8.20 -29.20 -4.86
N ALA A 154 8.93 -28.19 -4.39
CA ALA A 154 10.35 -28.06 -4.70
C ALA A 154 11.10 -29.33 -4.38
N THR A 155 11.98 -29.73 -5.29
CA THR A 155 12.79 -30.93 -5.16
C THR A 155 14.11 -30.67 -4.44
N TYR A 156 14.43 -29.43 -4.12
CA TYR A 156 15.77 -29.05 -3.69
C TYR A 156 15.83 -28.31 -2.37
N ILE A 157 14.70 -27.96 -1.76
CA ILE A 157 14.69 -27.28 -0.47
C ILE A 157 13.34 -27.55 0.16
N GLY A 158 13.31 -27.58 1.50
CA GLY A 158 12.08 -27.82 2.22
C GLY A 158 11.66 -29.27 2.21
N GLN A 159 10.46 -29.51 2.76
CA GLN A 159 9.89 -30.85 2.84
C GLN A 159 8.46 -30.80 2.31
N GLY A 160 8.22 -31.44 1.18
CA GLY A 160 6.89 -31.46 0.59
C GLY A 160 6.36 -30.10 0.21
N GLY A 161 7.23 -29.12 0.02
CA GLY A 161 6.81 -27.79 -0.32
C GLY A 161 6.61 -26.87 0.87
N LEU A 162 6.91 -27.33 2.10
CA LEU A 162 6.85 -26.51 3.30
C LEU A 162 8.28 -26.24 3.78
N ASN A 163 8.51 -25.04 4.30
CA ASN A 163 9.86 -24.58 4.63
C ASN A 163 9.79 -23.65 5.83
N PRO A 164 9.80 -24.20 7.04
CA PRO A 164 9.91 -23.34 8.24
C PRO A 164 11.23 -22.59 8.23
N ARG A 165 11.18 -21.29 8.51
CA ARG A 165 12.34 -20.43 8.38
C ARG A 165 12.35 -19.37 9.47
N SER A 166 13.55 -19.03 9.94
CA SER A 166 13.74 -18.01 10.97
C SER A 166 14.41 -16.75 10.44
N ASP A 167 14.84 -16.73 9.18
CA ASP A 167 15.70 -15.67 8.67
C ASP A 167 14.99 -14.66 7.79
N ILE A 168 13.67 -14.73 7.64
CA ILE A 168 12.92 -13.83 6.76
C ILE A 168 12.30 -12.73 7.62
N ALA A 169 12.77 -11.50 7.46
CA ALA A 169 12.29 -10.39 8.29
C ALA A 169 10.78 -10.20 8.15
N GLY A 170 10.25 -10.28 6.92
CA GLY A 170 8.83 -10.05 6.73
C GLY A 170 7.96 -11.07 7.46
N LEU A 171 8.42 -12.32 7.54
CA LEU A 171 7.73 -13.34 8.30
C LEU A 171 7.94 -13.17 9.81
N ASN A 172 9.17 -12.90 10.22
CA ASN A 172 9.44 -12.76 11.66
C ASN A 172 8.62 -11.61 12.26
N LEU A 173 8.44 -10.54 11.50
CA LEU A 173 7.84 -9.34 12.06
C LEU A 173 6.33 -9.29 11.93
N ALA A 174 5.73 -10.22 11.17
CA ALA A 174 4.28 -10.21 10.99
C ALA A 174 3.57 -10.57 12.29
N GLN A 175 2.47 -9.86 12.55
CA GLN A 175 1.62 -10.09 13.71
C GLN A 175 0.25 -10.61 13.33
N PHE A 176 0.07 -10.98 12.05
CA PHE A 176 -1.15 -11.48 11.46
C PHE A 176 -0.75 -12.62 10.54
N PRO A 177 -1.69 -13.47 10.14
CA PRO A 177 -1.30 -14.69 9.40
C PRO A 177 -0.53 -14.34 8.12
N SER A 178 0.59 -15.02 7.89
CA SER A 178 1.52 -14.59 6.84
C SER A 178 2.34 -15.78 6.34
N VAL A 179 2.43 -15.89 5.02
CA VAL A 179 3.28 -16.90 4.38
C VAL A 179 4.00 -16.25 3.22
N LEU A 180 5.11 -16.87 2.81
CA LEU A 180 5.88 -16.40 1.66
C LEU A 180 5.95 -17.55 0.66
N VAL A 181 5.48 -17.32 -0.56
CA VAL A 181 5.45 -18.35 -1.59
C VAL A 181 6.63 -18.12 -2.52
N GLU A 182 7.58 -19.07 -2.54
CA GLU A 182 8.60 -19.14 -3.57
C GLU A 182 8.01 -20.01 -4.69
N CYS A 183 7.63 -19.38 -5.81
CA CYS A 183 6.85 -20.08 -6.83
C CYS A 183 7.65 -21.14 -7.56
N GLY A 184 8.94 -20.93 -7.72
CA GLY A 184 9.76 -21.84 -8.51
C GLY A 184 11.19 -21.35 -8.53
N ASN A 185 12.01 -22.07 -9.30
CA ASN A 185 13.44 -21.77 -9.42
C ASN A 185 13.67 -21.08 -10.76
N MET A 186 14.06 -19.82 -10.71
CA MET A 186 14.31 -19.07 -11.96
C MET A 186 15.46 -19.65 -12.76
N LYS A 187 16.33 -20.44 -12.13
CA LYS A 187 17.45 -21.06 -12.80
C LYS A 187 17.11 -22.40 -13.45
N ASN A 188 15.89 -22.89 -13.28
CA ASN A 188 15.43 -24.15 -13.85
C ASN A 188 14.73 -23.88 -15.19
N PRO A 189 14.95 -24.72 -16.20
CA PRO A 189 14.34 -24.45 -17.51
C PRO A 189 12.81 -24.47 -17.53
N VAL A 190 12.18 -25.34 -16.75
CA VAL A 190 10.72 -25.38 -16.75
C VAL A 190 10.15 -24.17 -16.02
N ASP A 191 10.60 -23.94 -14.78
CA ASP A 191 10.04 -22.84 -13.99
C ASP A 191 10.31 -21.50 -14.67
N SER A 192 11.52 -21.30 -15.18
CA SER A 192 11.81 -20.04 -15.86
C SER A 192 10.91 -19.82 -17.07
N ALA A 193 10.67 -20.87 -17.88
CA ALA A 193 9.78 -20.73 -19.02
C ALA A 193 8.36 -20.37 -18.57
N LEU A 194 7.88 -21.01 -17.50
CA LEU A 194 6.57 -20.66 -16.97
C LEU A 194 6.53 -19.21 -16.51
N MET A 195 7.56 -18.78 -15.78
CA MET A 195 7.59 -17.44 -15.19
C MET A 195 7.63 -16.36 -16.26
N LYS A 196 8.28 -16.63 -17.38
CA LYS A 196 8.39 -15.66 -18.47
C LYS A 196 7.09 -15.53 -19.27
N SER A 197 6.13 -16.43 -19.09
CA SER A 197 4.93 -16.40 -19.91
CA SER A 197 4.91 -16.45 -19.89
C SER A 197 3.76 -15.82 -19.13
N PRO A 198 2.94 -14.99 -19.79
CA PRO A 198 1.73 -14.49 -19.13
C PRO A 198 0.83 -15.61 -18.64
N GLU A 199 0.69 -16.69 -19.41
CA GLU A 199 -0.16 -17.80 -18.99
C GLU A 199 0.44 -18.54 -17.82
N GLY A 200 1.77 -18.67 -17.79
CA GLY A 200 2.41 -19.27 -16.63
C GLY A 200 2.22 -18.45 -15.36
N ARG A 201 2.35 -17.12 -15.47
CA ARG A 201 2.14 -16.27 -14.31
C ARG A 201 0.68 -16.34 -13.85
N GLN A 202 -0.26 -16.45 -14.79
CA GLN A 202 -1.65 -16.66 -14.42
C GLN A 202 -1.84 -18.00 -13.72
N LYS A 203 -1.11 -19.02 -14.15
CA LYS A 203 -1.17 -20.34 -13.54
C LYS A 203 -0.74 -20.26 -12.08
N TYR A 204 0.39 -19.61 -11.81
CA TYR A 204 0.82 -19.42 -10.43
C TYR A 204 -0.21 -18.60 -9.65
N ALA A 205 -0.72 -17.53 -10.25
CA ALA A 205 -1.68 -16.67 -9.55
C ALA A 205 -2.95 -17.44 -9.18
N ASP A 206 -3.47 -18.25 -10.11
CA ASP A 206 -4.69 -18.99 -9.85
C ASP A 206 -4.51 -19.92 -8.65
N ALA A 207 -3.36 -20.59 -8.57
CA ALA A 207 -3.09 -21.50 -7.47
C ALA A 207 -2.94 -20.73 -6.15
N ILE A 208 -2.24 -19.60 -6.19
CA ILE A 208 -2.10 -18.79 -4.98
C ILE A 208 -3.46 -18.30 -4.49
N VAL A 209 -4.32 -17.87 -5.42
CA VAL A 209 -5.66 -17.42 -5.06
C VAL A 209 -6.46 -18.53 -4.38
N ARG A 210 -6.36 -19.76 -4.89
CA ARG A 210 -7.05 -20.88 -4.24
C ARG A 210 -6.54 -21.08 -2.82
N GLY A 211 -5.22 -20.97 -2.63
CA GLY A 211 -4.67 -21.03 -1.27
C GLY A 211 -5.21 -19.94 -0.37
N ILE A 212 -5.25 -18.69 -0.87
CA ILE A 212 -5.74 -17.57 -0.07
C ILE A 212 -7.21 -17.77 0.26
N ALA A 213 -8.02 -18.07 -0.75
CA ALA A 213 -9.47 -18.21 -0.53
C ALA A 213 -9.77 -19.37 0.40
N GLY A 214 -9.04 -20.48 0.26
CA GLY A 214 -9.26 -21.62 1.15
C GLY A 214 -8.92 -21.28 2.59
N PHE A 215 -7.83 -20.55 2.81
CA PHE A 215 -7.47 -20.14 4.16
C PHE A 215 -8.48 -19.15 4.73
N LEU A 216 -8.85 -18.12 3.95
CA LEU A 216 -9.82 -17.15 4.43
C LEU A 216 -11.13 -17.84 4.82
N GLY A 217 -11.59 -18.79 4.00
CA GLY A 217 -12.82 -19.50 4.31
C GLY A 217 -12.72 -20.33 5.58
N SER A 218 -11.55 -20.93 5.82
CA SER A 218 -11.35 -21.72 7.03
C SER A 218 -11.42 -20.84 8.27
N GLN A 219 -10.99 -19.58 8.18
CA GLN A 219 -11.07 -18.68 9.32
C GLN A 219 -12.50 -18.28 9.66
N SER A 220 -13.43 -18.38 8.71
CA SER A 220 -14.84 -18.15 8.99
C SER A 220 -15.51 -19.41 9.53
N SER B 4 -18.88 5.78 19.73
CA SER B 4 -18.96 4.66 18.79
C SER B 4 -17.57 4.16 18.41
N ASN B 5 -17.42 2.84 18.32
CA ASN B 5 -16.12 2.24 18.07
C ASN B 5 -15.59 2.62 16.69
N ILE B 6 -14.31 2.93 16.62
CA ILE B 6 -13.64 3.09 15.32
C ILE B 6 -12.50 2.10 15.10
N ALA B 7 -12.05 1.38 16.13
CA ALA B 7 -10.98 0.42 15.91
C ALA B 7 -11.43 -0.63 14.90
N GLY B 8 -10.52 -1.01 13.99
CA GLY B 8 -10.82 -1.95 12.95
C GLY B 8 -11.35 -1.34 11.66
N MET B 9 -11.83 -0.10 11.70
CA MET B 9 -12.22 0.57 10.46
C MET B 9 -10.97 0.87 9.64
N ILE B 10 -11.18 1.13 8.35
CA ILE B 10 -10.09 1.14 7.37
C ILE B 10 -9.97 2.52 6.76
N VAL B 11 -8.76 3.07 6.80
CA VAL B 11 -8.47 4.38 6.22
C VAL B 11 -7.34 4.23 5.21
N PHE B 12 -7.57 4.73 3.99
CA PHE B 12 -6.52 4.82 2.98
C PHE B 12 -5.95 6.23 3.01
N LEU B 13 -4.62 6.33 3.12
CA LEU B 13 -3.94 7.62 3.22
C LEU B 13 -3.10 7.83 1.96
N ASP B 14 -3.21 9.02 1.37
CA ASP B 14 -2.51 9.34 0.13
C ASP B 14 -1.67 10.60 0.31
N PRO B 15 -0.38 10.47 0.62
CA PRO B 15 0.47 11.67 0.65
C PRO B 15 0.72 12.16 -0.77
N GLY B 16 0.25 13.37 -1.06
CA GLY B 16 0.26 13.86 -2.43
C GLY B 16 1.65 13.91 -3.04
N HIS B 17 1.70 13.65 -4.35
CA HIS B 17 2.89 13.74 -5.20
C HIS B 17 3.91 12.63 -4.95
N ASN B 18 5.04 12.70 -5.66
CA ASN B 18 6.05 11.64 -5.65
C ASN B 18 7.31 12.15 -4.98
N GLY B 19 8.08 11.21 -4.41
CA GLY B 19 9.40 11.57 -3.91
C GLY B 19 10.34 12.01 -5.00
N ALA B 20 10.18 11.47 -6.21
CA ALA B 20 10.98 11.86 -7.35
C ALA B 20 10.16 11.67 -8.62
N ASN B 21 10.52 12.43 -9.65
CA ASN B 21 9.76 12.42 -10.90
C ASN B 21 10.70 12.20 -12.08
N ASP B 22 10.11 11.76 -13.19
CA ASP B 22 10.77 11.70 -14.48
C ASP B 22 9.74 12.04 -15.56
N ALA B 23 10.13 11.92 -16.82
CA ALA B 23 9.25 12.31 -17.91
C ALA B 23 7.97 11.48 -17.96
N SER B 24 7.95 10.31 -17.33
CA SER B 24 6.77 9.46 -17.37
C SER B 24 5.56 10.09 -16.69
N ILE B 25 5.77 11.09 -15.83
CA ILE B 25 4.63 11.74 -15.18
C ILE B 25 3.76 12.51 -16.15
N GLY B 26 4.23 12.73 -17.39
CA GLY B 26 3.42 13.38 -18.40
C GLY B 26 2.45 12.49 -19.13
N ARG B 27 2.56 11.17 -18.95
CA ARG B 27 1.60 10.25 -19.56
C ARG B 27 0.18 10.59 -19.13
N GLN B 28 -0.76 10.44 -20.06
CA GLN B 28 -2.13 10.84 -19.84
C GLN B 28 -2.93 9.71 -19.21
N VAL B 29 -3.75 10.05 -18.22
CA VAL B 29 -4.56 9.07 -17.49
C VAL B 29 -5.97 9.61 -17.37
N PRO B 30 -6.97 8.73 -17.17
CA PRO B 30 -8.35 9.21 -17.07
C PRO B 30 -8.56 10.15 -15.89
N THR B 31 -9.48 11.10 -16.08
CA THR B 31 -9.87 12.03 -15.03
C THR B 31 -11.08 11.55 -14.23
N GLY B 32 -11.83 10.59 -14.76
CA GLY B 32 -13.11 10.21 -14.21
C GLY B 32 -14.29 11.01 -14.72
N ARG B 33 -14.04 12.06 -15.52
CA ARG B 33 -15.10 12.85 -16.14
C ARG B 33 -14.85 13.04 -17.63
N GLY B 34 -14.19 12.08 -18.26
CA GLY B 34 -13.79 12.25 -19.65
C GLY B 34 -12.50 13.03 -19.79
N GLY B 35 -11.79 12.76 -20.88
CA GLY B 35 -10.50 13.39 -21.11
C GLY B 35 -9.47 12.89 -20.11
N THR B 36 -8.27 13.42 -20.26
CA THR B 36 -7.13 12.95 -19.51
C THR B 36 -6.43 14.10 -18.81
N LYS B 37 -5.59 13.75 -17.84
CA LYS B 37 -4.65 14.70 -17.27
C LYS B 37 -3.33 13.96 -17.02
N ASN B 38 -2.31 14.73 -16.65
CA ASN B 38 -0.99 14.16 -16.43
C ASN B 38 -1.03 13.13 -15.30
N CYS B 39 -0.28 12.05 -15.49
CA CYS B 39 -0.15 11.01 -14.47
C CYS B 39 0.21 11.61 -13.12
N GLN B 40 1.17 12.53 -13.11
CA GLN B 40 1.57 13.21 -11.89
C GLN B 40 2.05 14.62 -12.20
N GLU B 41 2.06 15.45 -11.16
CA GLU B 41 2.66 16.76 -11.16
C GLU B 41 3.64 16.81 -10.00
N SER B 42 4.66 17.66 -10.13
CA SER B 42 5.73 17.67 -9.13
C SER B 42 5.25 18.11 -7.75
N GLY B 43 4.25 19.00 -7.69
CA GLY B 43 3.90 19.65 -6.45
C GLY B 43 4.72 20.91 -6.24
N THR B 44 4.32 21.69 -5.25
CA THR B 44 4.89 23.00 -5.03
C THR B 44 6.02 22.92 -3.98
N ALA B 45 6.44 24.08 -3.48
CA ALA B 45 7.49 24.17 -2.48
C ALA B 45 7.44 25.54 -1.83
N THR B 46 8.01 25.64 -0.63
CA THR B 46 8.19 26.94 0.00
C THR B 46 9.19 27.78 -0.81
N ASP B 47 9.24 29.08 -0.47
CA ASP B 47 10.16 29.99 -1.16
C ASP B 47 11.60 29.50 -1.09
N ASP B 48 12.00 28.92 0.04
CA ASP B 48 13.34 28.42 0.22
C ASP B 48 13.50 26.94 -0.11
N GLY B 49 12.52 26.33 -0.77
CA GLY B 49 12.71 25.05 -1.40
C GLY B 49 12.29 23.81 -0.63
N TYR B 50 11.56 23.95 0.48
CA TYR B 50 11.04 22.76 1.15
C TYR B 50 9.87 22.23 0.32
N PRO B 51 9.96 21.00 -0.21
CA PRO B 51 8.97 20.55 -1.19
C PRO B 51 7.70 20.00 -0.58
N GLU B 52 6.60 20.22 -1.31
CA GLU B 52 5.30 19.67 -0.94
C GLU B 52 5.37 18.17 -0.70
N HIS B 53 6.06 17.43 -1.57
CA HIS B 53 6.05 15.99 -1.45
C HIS B 53 6.65 15.53 -0.13
N SER B 54 7.58 16.30 0.43
CA SER B 54 8.16 15.96 1.72
C SER B 54 7.23 16.33 2.87
N PHE B 55 6.58 17.50 2.75
CA PHE B 55 5.57 17.87 3.74
C PHE B 55 4.46 16.82 3.82
N THR B 56 3.92 16.42 2.66
CA THR B 56 2.81 15.46 2.68
C THR B 56 3.25 14.11 3.22
N TRP B 57 4.46 13.68 2.85
CA TRP B 57 4.98 12.40 3.33
C TRP B 57 5.10 12.38 4.84
N ASP B 58 5.79 13.37 5.42
CA ASP B 58 6.03 13.35 6.86
C ASP B 58 4.74 13.54 7.64
N THR B 59 3.87 14.43 7.18
CA THR B 59 2.57 14.61 7.82
C THR B 59 1.74 13.33 7.77
N THR B 60 1.76 12.63 6.63
CA THR B 60 0.97 11.41 6.52
C THR B 60 1.51 10.31 7.44
N LEU B 61 2.83 10.20 7.57
CA LEU B 61 3.40 9.25 8.53
C LEU B 61 2.92 9.54 9.94
N ARG B 62 2.83 10.82 10.31
CA ARG B 62 2.33 11.17 11.63
C ARG B 62 0.84 10.83 11.76
N VAL B 63 0.06 11.06 10.70
CA VAL B 63 -1.34 10.64 10.71
C VAL B 63 -1.45 9.13 10.90
N ARG B 64 -0.65 8.37 10.15
CA ARG B 64 -0.69 6.92 10.25
C ARG B 64 -0.37 6.45 11.67
N ALA B 65 0.66 7.02 12.29
CA ALA B 65 1.04 6.58 13.62
C ALA B 65 -0.09 6.85 14.62
N ALA B 66 -0.77 7.99 14.47
CA ALA B 66 -1.86 8.33 15.39
C ALA B 66 -3.06 7.41 15.20
N LEU B 67 -3.38 7.07 13.94
CA LEU B 67 -4.49 6.15 13.69
C LEU B 67 -4.18 4.76 14.22
N THR B 68 -2.93 4.30 14.05
CA THR B 68 -2.55 2.99 14.56
C THR B 68 -2.76 2.89 16.06
N ALA B 69 -2.47 3.97 16.79
CA ALA B 69 -2.66 3.99 18.25
C ALA B 69 -4.12 3.83 18.64
N LEU B 70 -5.04 4.15 17.73
CA LEU B 70 -6.48 4.00 17.95
C LEU B 70 -7.02 2.68 17.44
N GLY B 71 -6.16 1.80 16.92
CA GLY B 71 -6.63 0.53 16.38
C GLY B 71 -7.24 0.64 15.00
N VAL B 72 -7.07 1.77 14.34
CA VAL B 72 -7.61 1.98 12.99
C VAL B 72 -6.64 1.38 11.99
N ARG B 73 -7.18 0.59 11.05
CA ARG B 73 -6.37 0.00 9.99
C ARG B 73 -6.03 1.07 8.96
N THR B 74 -4.80 1.04 8.46
CA THR B 74 -4.38 2.01 7.47
C THR B 74 -3.61 1.34 6.34
N ALA B 75 -3.66 1.97 5.17
CA ALA B 75 -2.76 1.68 4.07
C ALA B 75 -2.40 3.01 3.42
N MET B 76 -1.27 3.05 2.74
CA MET B 76 -0.79 4.27 2.10
C MET B 76 -0.56 4.07 0.61
N SER B 77 -0.68 5.17 -0.14
CA SER B 77 -0.55 5.14 -1.59
C SER B 77 0.89 5.01 -2.07
N ARG B 78 1.86 5.38 -1.24
CA ARG B 78 3.26 5.26 -1.59
C ARG B 78 4.04 4.91 -0.33
N GLY B 79 5.24 4.36 -0.52
CA GLY B 79 6.01 3.83 0.60
C GLY B 79 7.35 4.51 0.83
N ASN B 80 7.66 5.56 0.07
CA ASN B 80 8.88 6.31 0.28
C ASN B 80 8.68 7.74 -0.20
N ASP B 81 9.70 8.57 0.03
CA ASP B 81 9.71 9.96 -0.42
C ASP B 81 10.95 10.25 -1.29
N ASN B 82 11.39 9.26 -2.07
CA ASN B 82 12.56 9.47 -2.90
C ASN B 82 12.50 8.73 -4.23
N ALA B 83 11.33 8.24 -4.64
CA ALA B 83 11.20 7.52 -5.90
C ALA B 83 9.87 7.90 -6.55
N LEU B 84 9.66 7.37 -7.76
CA LEU B 84 8.38 7.57 -8.44
C LEU B 84 7.24 6.97 -7.63
N GLY B 85 6.08 7.61 -7.71
CA GLY B 85 4.89 7.11 -7.08
C GLY B 85 3.77 6.90 -8.08
N PRO B 86 2.61 6.45 -7.61
CA PRO B 86 1.53 6.10 -8.53
C PRO B 86 0.91 7.32 -9.17
N CYS B 87 0.37 7.10 -10.37
CA CYS B 87 -0.38 8.15 -11.04
C CYS B 87 -1.68 8.44 -10.29
N VAL B 88 -2.30 9.57 -10.65
CA VAL B 88 -3.49 10.01 -9.91
C VAL B 88 -4.65 9.04 -10.07
N ASP B 89 -4.78 8.39 -11.24
CA ASP B 89 -5.81 7.37 -11.38
C ASP B 89 -5.48 6.13 -10.57
N GLU B 90 -4.20 5.75 -10.54
CA GLU B 90 -3.76 4.58 -9.78
C GLU B 90 -4.00 4.77 -8.29
N ARG B 91 -3.84 5.99 -7.77
CA ARG B 91 -4.06 6.22 -6.34
C ARG B 91 -5.52 5.99 -5.97
N ALA B 92 -6.45 6.34 -6.86
CA ALA B 92 -7.85 6.04 -6.60
C ALA B 92 -8.12 4.54 -6.73
N ALA B 93 -7.49 3.88 -7.70
CA ALA B 93 -7.65 2.44 -7.86
C ALA B 93 -7.18 1.69 -6.62
N MET B 94 -6.01 2.09 -6.07
CA MET B 94 -5.53 1.46 -4.84
C MET B 94 -6.53 1.62 -3.72
N ALA B 95 -7.07 2.84 -3.57
CA ALA B 95 -8.07 3.08 -2.53
C ALA B 95 -9.29 2.20 -2.73
N ASN B 96 -9.80 2.15 -3.96
CA ASN B 96 -11.02 1.39 -4.23
C ASN B 96 -10.82 -0.09 -3.98
N SER B 97 -9.62 -0.62 -4.27
CA SER B 97 -9.36 -2.05 -4.06
C SER B 97 -9.43 -2.42 -2.59
N LEU B 98 -9.16 -1.47 -1.71
CA LEU B 98 -9.23 -1.70 -0.27
C LEU B 98 -10.64 -1.57 0.29
N ARG B 99 -11.58 -1.00 -0.47
CA ARG B 99 -12.94 -0.73 0.01
C ARG B 99 -12.94 -0.10 1.40
N PRO B 100 -12.26 1.03 1.58
CA PRO B 100 -12.06 1.59 2.92
C PRO B 100 -13.27 2.35 3.40
N HIS B 101 -13.27 2.61 4.71
CA HIS B 101 -14.31 3.46 5.30
C HIS B 101 -14.05 4.94 5.04
N ALA B 102 -12.80 5.32 4.82
CA ALA B 102 -12.46 6.71 4.57
C ALA B 102 -11.16 6.76 3.79
N ILE B 103 -11.06 7.75 2.90
CA ILE B 103 -9.85 8.03 2.13
C ILE B 103 -9.50 9.48 2.37
N VAL B 104 -8.23 9.75 2.66
CA VAL B 104 -7.76 11.12 2.85
C VAL B 104 -6.49 11.32 2.02
N SER B 105 -6.53 12.27 1.09
CA SER B 105 -5.35 12.70 0.37
C SER B 105 -4.84 13.99 1.01
N ILE B 106 -3.54 14.06 1.27
CA ILE B 106 -2.95 15.16 2.02
C ILE B 106 -2.02 15.94 1.10
N HIS B 107 -2.26 17.25 1.01
CA HIS B 107 -1.55 18.13 0.08
C HIS B 107 -1.20 19.44 0.77
N ALA B 108 -0.36 20.22 0.10
CA ALA B 108 -0.17 21.62 0.42
C ALA B 108 -0.23 22.42 -0.89
N ASP B 109 -0.72 23.64 -0.78
CA ASP B 109 -1.08 24.43 -1.95
C ASP B 109 0.04 25.39 -2.33
N GLY B 110 0.09 25.72 -3.61
CA GLY B 110 0.94 26.80 -4.06
C GLY B 110 0.04 27.94 -4.46
N GLY B 111 -0.23 28.86 -3.54
CA GLY B 111 -1.19 29.91 -3.76
C GLY B 111 -0.60 31.30 -3.62
N PRO B 112 -1.46 32.32 -3.64
CA PRO B 112 -0.97 33.70 -3.50
C PRO B 112 -0.38 33.91 -2.12
N PRO B 113 0.77 34.61 -2.03
CA PRO B 113 1.47 34.70 -0.73
C PRO B 113 0.62 35.29 0.38
N THR B 114 -0.32 36.18 0.05
N THR B 114 -0.31 36.18 0.06
CA THR B 114 -1.15 36.82 1.07
CA THR B 114 -1.13 36.81 1.09
C THR B 114 -2.17 35.86 1.68
C THR B 114 -2.19 35.88 1.66
N GLY B 115 -2.51 34.77 0.99
CA GLY B 115 -3.55 33.88 1.45
C GLY B 115 -2.98 32.73 2.28
N ARG B 116 -3.68 32.38 3.36
CA ARG B 116 -3.26 31.24 4.17
C ARG B 116 -4.48 30.44 4.59
N GLY B 117 -4.21 29.29 5.21
CA GLY B 117 -5.27 28.45 5.76
C GLY B 117 -5.52 27.22 4.90
N PHE B 118 -6.43 26.39 5.40
CA PHE B 118 -6.71 25.09 4.79
C PHE B 118 -7.96 25.14 3.91
N HIS B 119 -8.03 24.20 2.96
CA HIS B 119 -9.31 23.93 2.32
C HIS B 119 -9.45 22.44 2.03
N VAL B 120 -10.68 21.94 2.14
CA VAL B 120 -11.00 20.53 1.99
C VAL B 120 -11.77 20.36 0.69
N LEU B 121 -11.19 19.60 -0.24
CA LEU B 121 -11.79 19.37 -1.55
C LEU B 121 -12.60 18.09 -1.52
N TYR B 122 -13.73 18.10 -2.21
CA TYR B 122 -14.54 16.90 -2.39
C TYR B 122 -15.16 16.93 -3.78
N SER B 123 -15.43 15.73 -4.31
CA SER B 123 -15.93 15.59 -5.66
C SER B 123 -17.32 16.21 -5.81
N SER B 124 -17.46 17.09 -6.78
CA SER B 124 -18.75 17.71 -7.09
C SER B 124 -18.76 18.17 -8.54
N PRO B 125 -19.82 17.89 -9.30
CA PRO B 125 -21.02 17.13 -8.91
C PRO B 125 -20.69 15.66 -8.63
N PRO B 126 -21.46 15.02 -7.76
CA PRO B 126 -21.13 13.66 -7.35
C PRO B 126 -21.39 12.68 -8.47
N LEU B 127 -20.54 11.65 -8.54
CA LEU B 127 -20.63 10.61 -9.56
C LEU B 127 -21.14 9.29 -9.02
N ASN B 128 -21.34 9.17 -7.71
CA ASN B 128 -21.89 7.96 -7.09
C ASN B 128 -22.41 8.34 -5.71
N ALA B 129 -23.00 7.35 -5.01
CA ALA B 129 -23.63 7.61 -3.71
C ALA B 129 -22.62 8.04 -2.67
N ALA B 130 -21.41 7.46 -2.69
CA ALA B 130 -20.40 7.87 -1.72
C ALA B 130 -20.07 9.34 -1.87
N GLN B 131 -19.99 9.82 -3.11
CA GLN B 131 -19.63 11.22 -3.34
C GLN B 131 -20.77 12.17 -2.98
N SER B 132 -22.02 11.71 -3.12
CA SER B 132 -23.14 12.61 -2.86
C SER B 132 -23.47 12.73 -1.37
N GLY B 133 -23.17 11.71 -0.58
CA GLY B 133 -23.55 11.68 0.81
C GLY B 133 -22.35 11.69 1.76
N PRO B 134 -21.79 10.51 2.02
CA PRO B 134 -20.74 10.41 3.04
C PRO B 134 -19.53 11.30 2.79
N SER B 135 -19.09 11.46 1.54
CA SER B 135 -17.92 12.31 1.30
C SER B 135 -18.20 13.77 1.64
N VAL B 136 -19.43 14.23 1.43
CA VAL B 136 -19.78 15.60 1.82
C VAL B 136 -19.80 15.74 3.34
N GLN B 137 -20.40 14.75 4.03
CA GLN B 137 -20.37 14.75 5.49
C GLN B 137 -18.93 14.71 6.00
N PHE B 138 -18.09 13.88 5.38
CA PHE B 138 -16.69 13.80 5.75
C PHE B 138 -16.00 15.14 5.58
N ALA B 139 -16.23 15.81 4.44
CA ALA B 139 -15.59 17.10 4.22
C ALA B 139 -15.97 18.09 5.32
N LYS B 140 -17.24 18.09 5.73
CA LYS B 140 -17.69 19.02 6.77
C LYS B 140 -17.04 18.71 8.12
N VAL B 141 -17.02 17.44 8.51
CA VAL B 141 -16.38 17.06 9.78
C VAL B 141 -14.90 17.41 9.77
N MET B 142 -14.21 17.12 8.66
CA MET B 142 -12.80 17.43 8.54
C MET B 142 -12.56 18.94 8.67
N ARG B 143 -13.36 19.73 7.95
CA ARG B 143 -13.28 21.18 8.04
C ARG B 143 -13.47 21.65 9.49
N ASP B 144 -14.49 21.11 10.16
CA ASP B 144 -14.74 21.53 11.53
C ASP B 144 -13.55 21.21 12.44
N GLN B 145 -12.92 20.06 12.25
CA GLN B 145 -11.83 19.68 13.15
C GLN B 145 -10.56 20.46 12.85
N LEU B 146 -10.31 20.77 11.59
CA LEU B 146 -9.16 21.61 11.25
C LEU B 146 -9.34 23.00 11.83
N ALA B 147 -10.53 23.60 11.64
CA ALA B 147 -10.77 24.94 12.16
C ALA B 147 -10.68 24.97 13.68
N ALA B 148 -11.18 23.92 14.33
CA ALA B 148 -11.16 23.88 15.79
C ALA B 148 -9.74 23.76 16.34
N SER B 149 -8.77 23.33 15.53
CA SER B 149 -7.38 23.22 15.94
C SER B 149 -6.61 24.52 15.80
N GLY B 150 -7.25 25.63 15.42
CA GLY B 150 -6.52 26.86 15.24
C GLY B 150 -5.88 27.01 13.88
N ILE B 151 -6.25 26.19 12.92
CA ILE B 151 -5.84 26.36 11.53
C ILE B 151 -6.98 27.07 10.81
N PRO B 152 -6.79 28.30 10.33
CA PRO B 152 -7.92 29.05 9.77
C PRO B 152 -8.34 28.47 8.44
N PRO B 153 -9.63 28.49 8.13
CA PRO B 153 -10.07 28.19 6.76
C PRO B 153 -9.39 29.13 5.77
N ALA B 154 -9.11 28.59 4.59
CA ALA B 154 -8.37 29.35 3.58
C ALA B 154 -9.07 30.68 3.27
N THR B 155 -8.28 31.75 3.23
CA THR B 155 -8.80 33.08 2.98
C THR B 155 -8.91 33.40 1.50
N TYR B 156 -8.40 32.51 0.64
CA TYR B 156 -8.24 32.81 -0.78
C TYR B 156 -9.00 31.84 -1.68
N ILE B 157 -9.66 30.83 -1.14
CA ILE B 157 -10.33 29.83 -1.97
C ILE B 157 -11.30 29.06 -1.08
N GLY B 158 -12.41 28.60 -1.69
CA GLY B 158 -13.40 27.83 -0.96
C GLY B 158 -14.35 28.70 -0.17
N GLN B 159 -15.30 28.04 0.49
CA GLN B 159 -16.30 28.69 1.33
C GLN B 159 -16.18 28.08 2.71
N GLY B 160 -15.67 28.86 3.66
CA GLY B 160 -15.51 28.34 5.01
C GLY B 160 -14.65 27.10 5.11
N GLY B 161 -13.66 26.95 4.23
CA GLY B 161 -12.78 25.79 4.23
C GLY B 161 -13.26 24.61 3.41
N LEU B 162 -14.41 24.72 2.73
CA LEU B 162 -14.93 23.69 1.85
C LEU B 162 -14.76 24.12 0.40
N ASN B 163 -14.43 23.17 -0.46
CA ASN B 163 -14.11 23.48 -1.86
C ASN B 163 -14.59 22.35 -2.75
N PRO B 164 -15.86 22.37 -3.17
CA PRO B 164 -16.34 21.36 -4.12
C PRO B 164 -15.64 21.52 -5.46
N ARG B 165 -15.14 20.40 -6.00
CA ARG B 165 -14.26 20.44 -7.17
C ARG B 165 -14.57 19.29 -8.11
N SER B 166 -14.45 19.56 -9.41
CA SER B 166 -14.69 18.57 -10.45
C SER B 166 -13.41 18.05 -11.10
N ASP B 167 -12.27 18.64 -10.83
CA ASP B 167 -11.06 18.45 -11.63
C ASP B 167 -10.03 17.53 -11.00
N ILE B 168 -10.31 16.92 -9.86
CA ILE B 168 -9.35 16.08 -9.15
C ILE B 168 -9.65 14.63 -9.47
N ALA B 169 -8.75 13.96 -10.19
CA ALA B 169 -9.00 12.58 -10.61
C ALA B 169 -9.18 11.65 -9.42
N GLY B 170 -8.35 11.82 -8.38
CA GLY B 170 -8.44 10.96 -7.22
C GLY B 170 -9.79 11.05 -6.53
N LEU B 171 -10.39 12.24 -6.52
CA LEU B 171 -11.73 12.40 -5.97
C LEU B 171 -12.80 11.89 -6.93
N ASN B 172 -12.65 12.21 -8.22
CA ASN B 172 -13.65 11.79 -9.21
C ASN B 172 -13.80 10.28 -9.24
N LEU B 173 -12.70 9.55 -9.07
CA LEU B 173 -12.69 8.12 -9.27
C LEU B 173 -12.98 7.33 -8.00
N ALA B 174 -13.05 7.98 -6.85
CA ALA B 174 -13.26 7.27 -5.59
C ALA B 174 -14.69 6.73 -5.50
N GLN B 175 -14.82 5.50 -5.00
CA GLN B 175 -16.10 4.85 -4.81
C GLN B 175 -16.44 4.71 -3.32
N PHE B 176 -15.64 5.30 -2.45
CA PHE B 176 -15.76 5.23 -1.00
C PHE B 176 -15.51 6.63 -0.49
N PRO B 177 -15.89 6.92 0.76
CA PRO B 177 -15.80 8.31 1.25
C PRO B 177 -14.39 8.85 1.14
N SER B 178 -14.26 10.05 0.58
CA SER B 178 -12.94 10.54 0.17
C SER B 178 -12.93 12.06 0.18
N VAL B 179 -11.88 12.63 0.79
CA VAL B 179 -11.64 14.07 0.76
C VAL B 179 -10.16 14.30 0.52
N LEU B 180 -9.84 15.50 0.04
CA LEU B 180 -8.47 15.95 -0.15
C LEU B 180 -8.25 17.20 0.69
N VAL B 181 -7.28 17.14 1.61
CA VAL B 181 -7.00 18.25 2.50
C VAL B 181 -5.80 19.02 1.96
N GLU B 182 -6.03 20.25 1.51
CA GLU B 182 -4.96 21.20 1.28
C GLU B 182 -4.68 21.91 2.61
N CYS B 183 -3.55 21.56 3.24
CA CYS B 183 -3.32 21.97 4.62
C CYS B 183 -3.08 23.46 4.77
N GLY B 184 -2.48 24.07 3.75
CA GLY B 184 -2.09 25.46 3.82
C GLY B 184 -1.37 25.83 2.54
N ASN B 185 -0.88 27.07 2.51
CA ASN B 185 -0.25 27.64 1.33
C ASN B 185 1.26 27.70 1.55
N MET B 186 2.02 26.89 0.80
CA MET B 186 3.47 26.87 0.97
C MET B 186 4.13 28.20 0.63
N LYS B 187 3.44 29.06 -0.13
CA LYS B 187 3.96 30.37 -0.49
C LYS B 187 3.61 31.45 0.52
N ASN B 188 2.90 31.11 1.60
CA ASN B 188 2.54 32.08 2.62
C ASN B 188 3.52 31.99 3.79
N PRO B 189 3.92 33.13 4.39
CA PRO B 189 4.93 33.08 5.46
C PRO B 189 4.52 32.25 6.68
N VAL B 190 3.26 32.31 7.12
CA VAL B 190 2.84 31.54 8.30
C VAL B 190 2.80 30.06 7.97
N ASP B 191 2.06 29.69 6.91
CA ASP B 191 1.88 28.28 6.62
C ASP B 191 3.20 27.62 6.28
N SER B 192 4.06 28.30 5.50
CA SER B 192 5.35 27.72 5.16
C SER B 192 6.19 27.46 6.42
N ALA B 193 6.20 28.40 7.36
CA ALA B 193 6.91 28.20 8.62
C ALA B 193 6.35 27.00 9.39
N LEU B 194 5.02 26.87 9.45
CA LEU B 194 4.43 25.71 10.11
C LEU B 194 4.85 24.43 9.42
N MET B 195 4.77 24.40 8.10
CA MET B 195 5.02 23.18 7.34
C MET B 195 6.48 22.74 7.44
N LYS B 196 7.40 23.67 7.61
CA LYS B 196 8.81 23.33 7.70
C LYS B 196 9.21 22.79 9.07
N SER B 197 8.36 22.93 10.09
N SER B 197 8.37 22.94 10.08
CA SER B 197 8.69 22.55 11.45
CA SER B 197 8.66 22.56 11.46
C SER B 197 8.05 21.22 11.81
C SER B 197 8.05 21.20 11.79
N PRO B 198 8.78 20.36 12.54
CA PRO B 198 8.18 19.10 12.99
C PRO B 198 6.92 19.30 13.79
N GLU B 199 6.92 20.29 14.69
CA GLU B 199 5.74 20.57 15.52
C GLU B 199 4.57 21.03 14.67
N GLY B 200 4.83 21.81 13.61
CA GLY B 200 3.76 22.25 12.73
C GLY B 200 3.17 21.09 11.95
N ARG B 201 4.02 20.19 11.47
CA ARG B 201 3.50 19.01 10.78
C ARG B 201 2.70 18.12 11.73
N GLN B 202 3.14 18.01 12.99
CA GLN B 202 2.34 17.28 13.96
C GLN B 202 1.01 17.97 14.21
N LYS B 203 1.00 19.30 14.24
CA LYS B 203 -0.25 20.05 14.41
C LYS B 203 -1.24 19.71 13.31
N TYR B 204 -0.80 19.74 12.05
CA TYR B 204 -1.66 19.37 10.95
C TYR B 204 -2.11 17.91 11.06
N ALA B 205 -1.18 17.01 11.38
CA ALA B 205 -1.52 15.59 11.48
C ALA B 205 -2.58 15.35 12.56
N ASP B 206 -2.39 15.95 13.74
CA ASP B 206 -3.34 15.77 14.83
C ASP B 206 -4.74 16.23 14.43
N ALA B 207 -4.81 17.37 13.74
CA ALA B 207 -6.12 17.90 13.34
C ALA B 207 -6.78 16.99 12.31
N ILE B 208 -5.99 16.48 11.36
CA ILE B 208 -6.51 15.56 10.36
C ILE B 208 -7.03 14.29 11.01
N VAL B 209 -6.29 13.77 12.01
CA VAL B 209 -6.71 12.57 12.72
C VAL B 209 -8.04 12.81 13.43
N ARG B 210 -8.21 13.98 14.04
CA ARG B 210 -9.50 14.27 14.68
C ARG B 210 -10.63 14.31 13.66
N GLY B 211 -10.37 14.83 12.46
CA GLY B 211 -11.38 14.79 11.41
C GLY B 211 -11.73 13.38 10.99
N ILE B 212 -10.70 12.54 10.80
CA ILE B 212 -10.93 11.14 10.46
C ILE B 212 -11.71 10.42 11.55
N ALA B 213 -11.25 10.55 12.80
CA ALA B 213 -11.90 9.86 13.91
C ALA B 213 -13.34 10.34 14.07
N GLY B 214 -13.57 11.64 13.92
CA GLY B 214 -14.93 12.16 14.02
C GLY B 214 -15.84 11.59 12.96
N PHE B 215 -15.35 11.51 11.72
CA PHE B 215 -16.16 10.94 10.66
C PHE B 215 -16.41 9.46 10.87
N LEU B 216 -15.34 8.70 11.17
CA LEU B 216 -15.51 7.26 11.39
C LEU B 216 -16.47 6.97 12.53
N GLY B 217 -16.45 7.82 13.56
CA GLY B 217 -17.35 7.61 14.68
C GLY B 217 -18.80 7.83 14.34
N SER B 218 -19.09 8.75 13.41
CA SER B 218 -20.47 8.97 13.00
C SER B 218 -20.98 7.88 12.07
N GLN B 219 -20.10 7.26 11.30
CA GLN B 219 -20.50 6.16 10.42
C GLN B 219 -20.76 4.90 11.23
#